data_7WXE
#
_entry.id   7WXE
#
_cell.length_a   133.771
_cell.length_b   133.771
_cell.length_c   62.230
_cell.angle_alpha   90.000
_cell.angle_beta   90.000
_cell.angle_gamma   120.000
#
_symmetry.space_group_name_H-M   'P 61'
#
loop_
_entity.id
_entity.type
_entity.pdbx_description
1 polymer '6-phosphogluconate dehydrogenase'
2 water water
#
_entity_poly.entity_id   1
_entity_poly.type   'polypeptide(L)'
_entity_poly.pdbx_seq_one_letter_code
;MKSSNRSENIRVGTENTVGKSKSVTVIGLGPMGKAMAAAFLEHGYKVTVWNRTSNKADELITKGAVRASTVHEALAANEL
VILSLTDYDAMYTILEPASENLSGKVLVNLSSDTPDKAREAAKWLANRGAGHITGGVQVPPSGIGKPESSTYYSGPKEVF
EANKETLEVLTGTDYRGEDPGLAALYYQIQMDMFWTAMLSYLHATAVAQANGITAEQFLPYAAETMSSLPKFIEFYTPRI
NAGEYPGDVDRLAMGMASVEHVVHTTQDAGIDITLPTAVLEVFRRGMENGHAGNSFTSLIEIFKKSDIRP
;
_entity_poly.pdbx_strand_id   A,B
#
# COMPACT_ATOMS: atom_id res chain seq x y z
N LYS A 20 4.33 24.53 39.18
CA LYS A 20 4.07 24.72 37.75
C LYS A 20 2.56 24.82 37.48
N SER A 21 2.06 26.05 37.39
CA SER A 21 0.63 26.28 37.20
C SER A 21 0.16 25.70 35.86
N LYS A 22 -1.17 25.57 35.73
CA LYS A 22 -1.80 25.08 34.51
C LYS A 22 -2.01 26.26 33.55
N SER A 23 -0.94 26.59 32.82
CA SER A 23 -0.97 27.63 31.82
C SER A 23 -0.19 27.14 30.59
N VAL A 24 -0.58 27.64 29.42
CA VAL A 24 0.04 27.18 28.17
C VAL A 24 -0.17 28.24 27.11
N THR A 25 0.72 28.27 26.13
CA THR A 25 0.68 29.16 24.98
C THR A 25 0.55 28.29 23.74
N VAL A 26 -0.36 28.66 22.84
CA VAL A 26 -0.55 27.97 21.57
C VAL A 26 -0.25 28.97 20.46
N ILE A 27 0.83 28.73 19.73
CA ILE A 27 1.20 29.53 18.58
C ILE A 27 0.84 28.76 17.32
N GLY A 28 0.12 29.41 16.41
CA GLY A 28 -0.38 28.72 15.24
C GLY A 28 -1.81 28.26 15.45
N LEU A 29 -2.75 28.94 14.79
CA LEU A 29 -4.15 28.83 15.15
C LEU A 29 -5.01 28.27 14.01
N GLY A 30 -4.41 27.55 13.07
CA GLY A 30 -5.17 26.81 12.09
C GLY A 30 -5.99 25.74 12.76
N PRO A 31 -6.72 24.94 11.97
CA PRO A 31 -7.62 23.93 12.56
C PRO A 31 -7.02 23.14 13.72
N MET A 32 -5.71 22.85 13.66
CA MET A 32 -5.10 22.02 14.70
C MET A 32 -4.84 22.83 15.97
N GLY A 33 -4.26 24.02 15.85
CA GLY A 33 -4.06 24.85 17.02
C GLY A 33 -5.35 25.19 17.75
N LYS A 34 -6.40 25.52 17.00
CA LYS A 34 -7.67 25.87 17.63
C LYS A 34 -8.21 24.71 18.47
N ALA A 35 -8.04 23.48 17.99
CA ALA A 35 -8.49 22.31 18.75
C ALA A 35 -7.66 22.10 20.01
N MET A 36 -6.33 22.06 19.88
CA MET A 36 -5.45 21.95 21.05
C MET A 36 -5.81 23.00 22.09
N ALA A 37 -5.89 24.26 21.69
CA ALA A 37 -6.23 25.33 22.62
C ALA A 37 -7.58 25.08 23.31
N ALA A 38 -8.59 24.67 22.54
CA ALA A 38 -9.88 24.35 23.15
C ALA A 38 -9.76 23.18 24.12
N ALA A 39 -9.01 22.14 23.73
CA ALA A 39 -8.79 21.02 24.64
C ALA A 39 -8.18 21.49 25.96
N PHE A 40 -7.18 22.37 25.89
CA PHE A 40 -6.55 22.88 27.11
C PHE A 40 -7.52 23.73 27.92
N LEU A 41 -8.30 24.59 27.27
CA LEU A 41 -9.30 25.38 28.01
C LEU A 41 -10.27 24.45 28.77
N GLU A 42 -10.71 23.38 28.15
CA GLU A 42 -11.73 22.51 28.68
C GLU A 42 -11.15 21.74 29.86
N HIS A 43 -9.81 21.74 29.99
CA HIS A 43 -9.14 21.03 31.06
C HIS A 43 -8.53 21.97 32.08
N GLY A 44 -9.02 23.20 32.17
CA GLY A 44 -8.64 24.10 33.25
C GLY A 44 -7.34 24.86 33.06
N TYR A 45 -6.79 24.93 31.85
CA TYR A 45 -5.58 25.71 31.63
C TYR A 45 -5.95 27.14 31.25
N LYS A 46 -5.18 28.08 31.79
CA LYS A 46 -5.14 29.43 31.23
C LYS A 46 -4.36 29.38 29.91
N VAL A 47 -5.02 29.75 28.82
CA VAL A 47 -4.47 29.55 27.48
C VAL A 47 -4.29 30.91 26.81
N THR A 48 -3.04 31.23 26.46
CA THR A 48 -2.72 32.38 25.64
C THR A 48 -2.40 31.90 24.22
N VAL A 49 -2.80 32.72 23.25
CA VAL A 49 -2.76 32.33 21.84
C VAL A 49 -2.22 33.49 20.99
N TRP A 50 -1.78 33.13 19.79
CA TRP A 50 -1.32 34.07 18.78
C TRP A 50 -1.37 33.36 17.44
N ASN A 51 -1.68 34.11 16.37
CA ASN A 51 -1.80 33.50 15.05
C ASN A 51 -1.07 34.32 13.99
N ALA A 57 -9.54 34.81 15.23
CA ALA A 57 -9.93 33.50 15.72
C ALA A 57 -10.88 33.65 16.91
N ASP A 58 -12.04 34.24 16.60
CA ASP A 58 -12.93 34.80 17.61
C ASP A 58 -13.37 33.75 18.62
N GLU A 59 -13.52 32.52 18.14
CA GLU A 59 -14.25 31.48 18.84
C GLU A 59 -13.58 31.10 20.17
N LEU A 60 -12.25 31.02 20.17
CA LEU A 60 -11.52 30.59 21.35
C LEU A 60 -11.46 31.67 22.43
N ILE A 61 -11.55 32.95 22.03
CA ILE A 61 -11.59 34.03 23.01
C ILE A 61 -12.91 33.98 23.77
N THR A 62 -14.02 33.80 23.05
CA THR A 62 -15.32 33.65 23.67
C THR A 62 -15.36 32.49 24.66
N LYS A 63 -14.46 31.50 24.50
CA LYS A 63 -14.39 30.36 25.39
C LYS A 63 -13.37 30.54 26.52
N GLY A 64 -12.72 31.70 26.61
CA GLY A 64 -11.83 32.01 27.72
C GLY A 64 -10.36 32.15 27.36
N ALA A 65 -9.94 31.98 26.11
CA ALA A 65 -8.54 32.15 25.75
C ALA A 65 -8.15 33.64 25.80
N VAL A 66 -6.85 33.87 26.03
CA VAL A 66 -6.26 35.20 26.04
C VAL A 66 -5.38 35.33 24.79
N ARG A 67 -5.65 36.32 23.95
CA ARG A 67 -4.81 36.55 22.77
C ARG A 67 -3.63 37.45 23.11
N ALA A 68 -2.44 36.97 22.78
CA ALA A 68 -1.27 37.84 22.77
C ALA A 68 -1.23 38.57 21.42
N SER A 69 -1.10 39.89 21.47
CA SER A 69 -1.06 40.67 20.23
C SER A 69 0.21 40.40 19.45
N THR A 70 1.31 40.09 20.15
CA THR A 70 2.61 39.92 19.54
C THR A 70 3.27 38.61 19.99
N VAL A 71 4.25 38.19 19.20
CA VAL A 71 5.01 36.99 19.50
C VAL A 71 5.73 37.13 20.83
N HIS A 72 6.31 38.31 21.09
CA HIS A 72 7.06 38.53 22.33
C HIS A 72 6.19 38.29 23.55
N GLU A 73 4.98 38.86 23.55
CA GLU A 73 4.07 38.63 24.67
C GLU A 73 3.64 37.17 24.74
N ALA A 74 3.32 36.57 23.58
CA ALA A 74 2.93 35.17 23.56
C ALA A 74 3.96 34.30 24.27
N LEU A 75 5.25 34.53 24.00
CA LEU A 75 6.31 33.72 24.58
C LEU A 75 6.53 34.04 26.04
N ALA A 76 6.35 35.30 26.43
CA ALA A 76 6.52 35.67 27.83
C ALA A 76 5.40 35.12 28.71
N ALA A 77 4.27 34.74 28.12
CA ALA A 77 3.11 34.41 28.95
C ALA A 77 3.31 33.09 29.70
N ASN A 78 4.14 32.19 29.20
CA ASN A 78 4.20 30.86 29.79
C ASN A 78 5.56 30.21 29.52
N GLU A 79 5.86 29.19 30.32
CA GLU A 79 6.99 28.32 30.03
C GLU A 79 6.69 27.37 28.88
N LEU A 80 5.51 26.76 28.88
CA LEU A 80 5.15 25.76 27.88
C LEU A 80 4.47 26.43 26.70
N VAL A 81 5.03 26.22 25.50
CA VAL A 81 4.56 26.82 24.25
C VAL A 81 4.27 25.70 23.27
N ILE A 82 3.09 25.70 22.69
CA ILE A 82 2.72 24.66 21.72
C ILE A 82 2.70 25.31 20.35
N LEU A 83 3.45 24.72 19.41
CA LEU A 83 3.57 25.22 18.05
C LEU A 83 2.83 24.29 17.11
N SER A 84 1.88 24.85 16.36
CA SER A 84 1.16 24.12 15.33
C SER A 84 1.28 24.95 14.05
N LEU A 85 2.37 24.77 13.32
CA LEU A 85 2.66 25.56 12.14
C LEU A 85 2.75 24.67 10.90
N THR A 86 2.67 25.32 9.74
CA THR A 86 2.67 24.61 8.47
C THR A 86 3.93 23.76 8.30
N ASP A 87 5.09 24.31 8.64
CA ASP A 87 6.35 23.57 8.73
C ASP A 87 7.35 24.47 9.43
N TYR A 88 8.61 24.05 9.46
CA TYR A 88 9.63 24.74 10.24
C TYR A 88 10.10 26.05 9.60
N ASP A 89 9.97 26.23 8.29
CA ASP A 89 10.19 27.58 7.74
C ASP A 89 9.26 28.58 8.40
N ALA A 90 8.02 28.17 8.67
CA ALA A 90 7.10 29.04 9.40
C ALA A 90 7.59 29.28 10.83
N MET A 91 8.24 28.29 11.45
CA MET A 91 8.72 28.48 12.82
C MET A 91 9.80 29.55 12.90
N TYR A 92 10.70 29.63 11.91
CA TYR A 92 11.76 30.62 12.00
C TYR A 92 11.25 32.03 11.68
N THR A 93 10.36 32.14 10.67
CA THR A 93 9.76 33.43 10.33
C THR A 93 9.20 34.14 11.54
N ILE A 94 8.51 33.42 12.41
CA ILE A 94 7.81 34.04 13.52
C ILE A 94 8.61 33.95 14.81
N LEU A 95 9.46 32.93 14.95
CA LEU A 95 10.29 32.86 16.15
C LEU A 95 11.60 33.63 16.02
N GLU A 96 12.10 33.83 14.80
CA GLU A 96 13.40 34.50 14.65
C GLU A 96 13.40 35.89 15.26
N PRO A 97 12.50 36.81 14.89
CA PRO A 97 12.53 38.15 15.44
C PRO A 97 12.40 38.23 16.98
N ALA A 98 12.07 37.12 17.63
CA ALA A 98 11.94 37.07 19.11
C ALA A 98 12.94 36.09 19.69
N SER A 99 14.08 35.91 19.03
CA SER A 99 15.08 34.90 19.47
C SER A 99 15.32 35.09 20.96
N GLU A 100 15.27 36.32 21.43
CA GLU A 100 15.42 36.56 22.87
C GLU A 100 14.03 36.32 23.46
N ASN A 101 13.95 35.71 24.63
CA ASN A 101 12.63 35.34 25.23
C ASN A 101 12.37 33.86 24.96
N LEU A 102 13.28 33.19 24.26
CA LEU A 102 13.12 31.75 24.00
C LEU A 102 13.79 31.01 25.14
N SER A 103 14.58 31.72 25.94
CA SER A 103 15.39 31.05 26.99
C SER A 103 14.70 29.87 27.68
N GLY A 104 14.36 29.99 28.96
CA GLY A 104 13.86 28.81 29.70
C GLY A 104 12.53 28.26 29.22
N LYS A 105 12.30 28.30 27.91
CA LYS A 105 10.98 27.88 27.41
C LYS A 105 11.04 26.42 27.00
N VAL A 106 9.89 25.76 26.96
CA VAL A 106 9.83 24.39 26.41
C VAL A 106 8.90 24.47 25.20
N LEU A 107 9.46 24.41 23.99
CA LEU A 107 8.63 24.47 22.80
C LEU A 107 8.31 23.06 22.35
N VAL A 108 7.04 22.85 22.05
CA VAL A 108 6.55 21.62 21.45
C VAL A 108 6.17 21.95 20.00
N ASN A 109 6.98 21.47 19.07
CA ASN A 109 6.70 21.57 17.64
C ASN A 109 5.84 20.41 17.18
N LEU A 110 4.58 20.72 16.88
CA LEU A 110 3.59 19.78 16.39
C LEU A 110 3.38 19.93 14.88
N SER A 111 4.43 20.28 14.14
CA SER A 111 4.37 20.46 12.70
C SER A 111 4.98 19.24 12.00
N SER A 112 4.55 19.01 10.76
CA SER A 112 4.80 17.75 10.05
C SER A 112 5.84 17.93 8.96
N ASP A 113 7.09 18.16 9.35
CA ASP A 113 8.18 18.33 8.42
C ASP A 113 9.10 17.09 8.47
N THR A 114 10.24 17.17 7.79
CA THR A 114 11.14 16.04 7.74
C THR A 114 11.88 15.86 9.07
N PRO A 115 12.41 14.66 9.33
CA PRO A 115 13.25 14.49 10.52
C PRO A 115 14.43 15.46 10.57
N ASP A 116 15.14 15.69 9.47
CA ASP A 116 16.29 16.58 9.51
C ASP A 116 15.88 18.00 9.90
N LYS A 117 14.74 18.49 9.39
CA LYS A 117 14.29 19.82 9.82
C LYS A 117 13.94 19.85 11.30
N ALA A 118 13.50 18.71 11.86
CA ALA A 118 13.22 18.68 13.29
C ALA A 118 14.52 18.68 14.11
N ARG A 119 15.53 17.95 13.65
CA ARG A 119 16.82 17.98 14.33
C ARG A 119 17.44 19.36 14.24
N GLU A 120 17.38 20.00 13.07
CA GLU A 120 17.90 21.37 12.93
C GLU A 120 17.20 22.32 13.89
N ALA A 121 15.88 22.23 13.99
CA ALA A 121 15.14 23.19 14.80
C ALA A 121 15.40 22.94 16.28
N ALA A 122 15.58 21.68 16.67
CA ALA A 122 15.92 21.38 18.06
C ALA A 122 17.24 21.99 18.43
N LYS A 123 18.21 21.93 17.53
CA LYS A 123 19.50 22.51 17.83
C LYS A 123 19.44 24.04 17.80
N TRP A 124 18.63 24.61 16.89
CA TRP A 124 18.43 26.06 16.84
C TRP A 124 17.76 26.58 18.12
N LEU A 125 16.82 25.81 18.67
CA LEU A 125 16.14 26.22 19.90
C LEU A 125 17.07 26.09 21.10
N ALA A 126 17.71 24.94 21.25
CA ALA A 126 18.63 24.77 22.37
C ALA A 126 19.74 25.83 22.37
N ASN A 127 20.16 26.29 21.19
CA ASN A 127 21.18 27.34 21.13
C ASN A 127 20.65 28.70 21.54
N ARG A 128 19.32 28.89 21.59
CA ARG A 128 18.73 30.10 22.16
C ARG A 128 18.19 29.84 23.58
N GLY A 129 18.60 28.75 24.20
CA GLY A 129 18.23 28.45 25.57
C GLY A 129 16.94 27.68 25.78
N ALA A 130 16.22 27.27 24.72
CA ALA A 130 14.91 26.62 24.88
C ALA A 130 15.00 25.10 24.82
N GLY A 131 14.42 24.44 25.83
CA GLY A 131 14.10 23.03 25.68
C GLY A 131 13.08 22.82 24.58
N HIS A 132 13.01 21.59 24.10
CA HIS A 132 12.23 21.30 22.90
C HIS A 132 11.72 19.88 22.91
N ILE A 133 10.54 19.69 22.31
CA ILE A 133 9.93 18.38 22.09
C ILE A 133 9.31 18.39 20.70
N THR A 134 9.58 17.33 19.93
CA THR A 134 8.95 17.14 18.63
C THR A 134 7.75 16.22 18.77
N GLY A 135 6.68 16.56 18.09
CA GLY A 135 5.51 15.68 18.02
C GLY A 135 5.02 15.47 16.61
N GLY A 136 4.54 14.26 16.33
CA GLY A 136 3.87 13.95 15.09
C GLY A 136 2.43 13.56 15.36
N VAL A 137 1.49 14.31 14.83
CA VAL A 137 0.09 14.13 15.18
C VAL A 137 -0.55 13.17 14.19
N GLN A 138 -1.16 12.10 14.72
CA GLN A 138 -1.77 11.05 13.94
C GLN A 138 -3.28 11.24 13.73
N VAL A 139 -3.80 12.45 13.95
CA VAL A 139 -5.25 12.59 13.89
C VAL A 139 -5.65 13.97 13.38
N PRO A 140 -6.80 14.08 12.73
CA PRO A 140 -7.33 15.39 12.37
C PRO A 140 -7.61 16.22 13.61
N PRO A 141 -7.83 17.52 13.45
CA PRO A 141 -8.11 18.38 14.62
C PRO A 141 -9.20 17.86 15.55
N SER A 142 -10.19 17.12 15.05
CA SER A 142 -11.30 16.73 15.91
C SER A 142 -11.02 15.50 16.76
N GLY A 143 -9.90 14.83 16.51
CA GLY A 143 -9.47 13.73 17.35
C GLY A 143 -8.69 14.17 18.54
N ILE A 144 -8.39 15.48 18.62
CA ILE A 144 -7.71 16.06 19.77
C ILE A 144 -8.64 16.08 20.97
N GLY A 145 -8.11 15.68 22.12
CA GLY A 145 -8.96 15.55 23.29
C GLY A 145 -9.74 14.27 23.34
N LYS A 146 -9.36 13.27 22.56
CA LYS A 146 -9.87 11.92 22.75
C LYS A 146 -8.72 11.02 23.19
N PRO A 147 -8.87 10.28 24.30
CA PRO A 147 -7.79 9.38 24.71
C PRO A 147 -7.48 8.30 23.68
N GLU A 148 -8.42 7.99 22.79
CA GLU A 148 -8.16 7.02 21.73
C GLU A 148 -6.96 7.42 20.87
N SER A 149 -6.75 8.72 20.66
CA SER A 149 -5.74 9.20 19.73
C SER A 149 -4.33 9.13 20.32
N SER A 150 -3.35 9.11 19.42
CA SER A 150 -1.93 9.15 19.79
C SER A 150 -1.18 10.20 18.99
N THR A 151 -0.04 10.59 19.55
CA THR A 151 0.88 11.49 18.90
C THR A 151 2.28 10.98 19.17
N TYR A 152 3.10 10.93 18.13
CA TYR A 152 4.51 10.65 18.32
C TYR A 152 5.18 11.83 19.02
N TYR A 153 6.07 11.51 19.96
CA TYR A 153 6.89 12.52 20.61
C TYR A 153 8.32 12.03 20.63
N SER A 154 9.24 12.94 20.37
CA SER A 154 10.64 12.57 20.45
C SER A 154 11.43 13.78 20.95
N GLY A 155 12.62 13.49 21.46
CA GLY A 155 13.48 14.52 22.01
C GLY A 155 13.96 14.12 23.40
N PRO A 156 14.69 15.02 24.06
CA PRO A 156 15.29 14.68 25.36
C PRO A 156 14.26 14.12 26.35
N LYS A 157 14.61 12.97 26.93
CA LYS A 157 13.68 12.17 27.72
C LYS A 157 13.10 12.96 28.89
N GLU A 158 13.95 13.66 29.64
CA GLU A 158 13.48 14.32 30.86
C GLU A 158 12.52 15.45 30.56
N VAL A 159 12.81 16.27 29.55
CA VAL A 159 11.87 17.37 29.27
C VAL A 159 10.51 16.81 28.86
N PHE A 160 10.49 15.70 28.11
CA PHE A 160 9.21 15.13 27.73
C PHE A 160 8.48 14.55 28.94
N GLU A 161 9.18 13.82 29.81
CA GLU A 161 8.50 13.28 30.99
C GLU A 161 7.95 14.40 31.88
N ALA A 162 8.71 15.48 32.07
CA ALA A 162 8.22 16.59 32.87
C ALA A 162 7.00 17.28 32.25
N ASN A 163 6.71 17.03 30.97
CA ASN A 163 5.53 17.61 30.35
C ASN A 163 4.52 16.57 29.89
N LYS A 164 4.78 15.29 30.14
CA LYS A 164 3.92 14.19 29.70
C LYS A 164 2.45 14.46 30.01
N GLU A 165 2.14 14.73 31.29
CA GLU A 165 0.75 14.87 31.70
C GLU A 165 0.04 15.93 30.88
N THR A 166 0.64 17.12 30.75
CA THR A 166 0.01 18.18 29.98
C THR A 166 -0.28 17.73 28.56
N LEU A 167 0.68 17.07 27.92
CA LEU A 167 0.46 16.65 26.53
C LEU A 167 -0.62 15.59 26.40
N GLU A 168 -0.92 14.84 27.46
CA GLU A 168 -2.01 13.88 27.37
C GLU A 168 -3.39 14.55 27.41
N VAL A 169 -3.48 15.86 27.70
CA VAL A 169 -4.72 16.59 27.47
C VAL A 169 -5.16 16.48 26.02
N LEU A 170 -4.19 16.49 25.10
CA LEU A 170 -4.48 16.56 23.69
C LEU A 170 -4.72 15.18 23.09
N THR A 171 -3.83 14.22 23.40
CA THR A 171 -3.88 12.86 22.88
C THR A 171 -3.11 11.97 23.83
N GLY A 172 -3.23 10.66 23.63
CA GLY A 172 -2.21 9.77 24.15
C GLY A 172 -0.85 10.13 23.59
N THR A 173 0.21 9.71 24.27
CA THR A 173 1.55 10.02 23.82
C THR A 173 2.32 8.74 23.57
N ASP A 174 3.05 8.71 22.46
CA ASP A 174 3.92 7.61 22.06
C ASP A 174 5.34 8.16 21.95
N TYR A 175 6.00 8.31 23.10
CA TYR A 175 7.37 8.78 23.08
C TYR A 175 8.22 7.76 22.35
N ARG A 176 8.96 8.21 21.32
CA ARG A 176 9.67 7.30 20.45
C ARG A 176 11.17 7.26 20.70
N GLY A 177 11.73 8.17 21.50
CA GLY A 177 13.17 8.18 21.70
C GLY A 177 13.83 9.54 21.79
N GLU A 178 15.16 9.55 21.94
CA GLU A 178 15.88 10.80 22.19
C GLU A 178 15.98 11.65 20.92
N ASP A 179 16.44 11.06 19.82
CA ASP A 179 16.59 11.74 18.53
C ASP A 179 15.38 12.63 18.25
N PRO A 180 15.56 13.96 18.20
CA PRO A 180 14.39 14.84 18.00
C PRO A 180 13.66 14.56 16.70
N GLY A 181 14.29 13.84 15.77
CA GLY A 181 13.69 13.60 14.48
C GLY A 181 12.72 12.43 14.41
N LEU A 182 12.62 11.65 15.47
CA LEU A 182 11.93 10.37 15.35
C LEU A 182 10.44 10.55 15.18
N ALA A 183 9.86 11.55 15.84
CA ALA A 183 8.42 11.77 15.69
C ALA A 183 8.09 12.05 14.23
N ALA A 184 8.76 13.04 13.64
CA ALA A 184 8.55 13.36 12.23
C ALA A 184 8.79 12.14 11.35
N LEU A 185 9.81 11.34 11.68
CA LEU A 185 10.13 10.16 10.89
C LEU A 185 8.93 9.21 10.81
N TYR A 186 8.44 8.81 11.98
CA TYR A 186 7.33 7.86 12.01
C TYR A 186 6.14 8.39 11.25
N TYR A 187 5.91 9.71 11.32
CA TYR A 187 4.81 10.27 10.55
C TYR A 187 5.07 10.14 9.05
N GLN A 188 6.31 10.43 8.63
CA GLN A 188 6.61 10.52 7.21
C GLN A 188 6.52 9.16 6.53
N ILE A 189 6.97 8.11 7.21
CA ILE A 189 6.97 6.82 6.55
C ILE A 189 5.56 6.22 6.50
N GLN A 190 4.69 6.58 7.43
CA GLN A 190 3.28 6.24 7.25
C GLN A 190 2.66 7.03 6.10
N MET A 191 3.09 8.27 5.89
CA MET A 191 2.72 8.99 4.65
C MET A 191 3.24 8.27 3.43
N ASP A 192 4.53 7.85 3.46
CA ASP A 192 5.12 7.16 2.32
C ASP A 192 4.19 6.06 1.85
N MET A 193 3.74 5.24 2.80
CA MET A 193 2.89 4.11 2.48
C MET A 193 1.50 4.56 2.07
N PHE A 194 0.93 5.51 2.80
CA PHE A 194 -0.45 5.91 2.56
C PHE A 194 -0.62 6.47 1.14
N TRP A 195 0.21 7.46 0.76
CA TRP A 195 0.08 8.08 -0.55
C TRP A 195 0.40 7.09 -1.67
N THR A 196 1.47 6.31 -1.51
CA THR A 196 1.81 5.36 -2.55
C THR A 196 0.70 4.32 -2.71
N ALA A 197 0.18 3.80 -1.59
CA ALA A 197 -0.85 2.77 -1.66
C ALA A 197 -2.16 3.34 -2.20
N MET A 198 -2.58 4.51 -1.73
CA MET A 198 -3.80 5.12 -2.24
C MET A 198 -3.69 5.42 -3.74
N LEU A 199 -2.55 5.91 -4.23
CA LEU A 199 -2.44 6.15 -5.67
C LEU A 199 -2.55 4.88 -6.49
N SER A 200 -2.03 3.77 -5.98
CA SER A 200 -2.19 2.52 -6.68
C SER A 200 -3.65 2.10 -6.69
N TYR A 201 -4.41 2.47 -5.66
CA TYR A 201 -5.84 2.22 -5.72
C TYR A 201 -6.50 3.06 -6.81
N LEU A 202 -6.18 4.37 -6.86
CA LEU A 202 -6.69 5.21 -7.94
C LEU A 202 -6.26 4.68 -9.29
N HIS A 203 -5.02 4.23 -9.40
CA HIS A 203 -4.54 3.70 -10.67
C HIS A 203 -5.32 2.43 -11.04
N ALA A 204 -5.45 1.51 -10.10
CA ALA A 204 -6.23 0.30 -10.34
C ALA A 204 -7.66 0.64 -10.71
N THR A 205 -8.27 1.62 -10.05
CA THR A 205 -9.64 1.97 -10.37
C THR A 205 -9.75 2.45 -11.81
N ALA A 206 -8.84 3.33 -12.24
CA ALA A 206 -8.85 3.82 -13.61
C ALA A 206 -8.81 2.66 -14.60
N VAL A 207 -7.95 1.69 -14.33
CA VAL A 207 -7.87 0.53 -15.22
C VAL A 207 -9.18 -0.24 -15.23
N ALA A 208 -9.75 -0.48 -14.04
CA ALA A 208 -11.07 -1.09 -13.94
C ALA A 208 -12.09 -0.34 -14.78
N GLN A 209 -12.28 0.95 -14.51
CA GLN A 209 -13.30 1.73 -15.20
C GLN A 209 -13.10 1.67 -16.72
N ALA A 210 -11.84 1.72 -17.18
CA ALA A 210 -11.59 1.71 -18.61
C ALA A 210 -12.00 0.39 -19.26
N ASN A 211 -12.02 -0.70 -18.49
CA ASN A 211 -12.54 -1.99 -18.92
C ASN A 211 -14.01 -2.18 -18.54
N GLY A 212 -14.72 -1.10 -18.25
CA GLY A 212 -16.16 -1.16 -18.04
C GLY A 212 -16.62 -1.57 -16.64
N ILE A 213 -15.71 -1.78 -15.70
CA ILE A 213 -16.08 -2.17 -14.35
C ILE A 213 -15.98 -0.96 -13.44
N THR A 214 -17.08 -0.64 -12.76
CA THR A 214 -17.22 0.59 -11.99
C THR A 214 -16.45 0.51 -10.68
N ALA A 215 -16.24 1.68 -10.07
CA ALA A 215 -15.53 1.76 -8.81
C ALA A 215 -16.32 1.11 -7.67
N GLU A 216 -17.65 1.13 -7.76
CA GLU A 216 -18.47 0.39 -6.81
C GLU A 216 -18.30 -1.10 -6.99
N GLN A 217 -18.20 -1.57 -8.22
CA GLN A 217 -17.94 -2.99 -8.43
C GLN A 217 -16.56 -3.37 -7.89
N PHE A 218 -15.57 -2.51 -8.11
CA PHE A 218 -14.21 -2.79 -7.66
C PHE A 218 -14.09 -2.71 -6.13
N LEU A 219 -14.85 -1.83 -5.50
CA LEU A 219 -14.76 -1.51 -4.08
C LEU A 219 -14.38 -2.72 -3.21
N PRO A 220 -15.21 -3.78 -3.16
CA PRO A 220 -14.87 -4.93 -2.29
C PRO A 220 -13.47 -5.50 -2.50
N TYR A 221 -13.01 -5.55 -3.75
CA TYR A 221 -11.70 -6.13 -4.01
C TYR A 221 -10.58 -5.20 -3.59
N ALA A 222 -10.75 -3.89 -3.84
CA ALA A 222 -9.77 -2.93 -3.36
C ALA A 222 -9.63 -3.01 -1.84
N ALA A 223 -10.74 -3.17 -1.11
CA ALA A 223 -10.67 -3.16 0.36
C ALA A 223 -10.07 -4.44 0.91
N GLU A 224 -10.39 -5.58 0.30
CA GLU A 224 -9.80 -6.83 0.74
C GLU A 224 -8.28 -6.80 0.55
N THR A 225 -7.83 -6.30 -0.61
CA THR A 225 -6.41 -6.32 -0.90
C THR A 225 -5.66 -5.49 0.13
N MET A 226 -6.12 -4.26 0.37
CA MET A 226 -5.47 -3.45 1.38
C MET A 226 -5.61 -4.11 2.75
N SER A 227 -6.77 -4.73 3.03
CA SER A 227 -6.99 -5.37 4.33
C SER A 227 -6.02 -6.51 4.59
N SER A 228 -5.62 -7.23 3.56
CA SER A 228 -4.78 -8.40 3.76
C SER A 228 -3.28 -8.08 3.85
N LEU A 229 -2.88 -6.83 3.61
CA LEU A 229 -1.45 -6.51 3.67
C LEU A 229 -0.84 -6.73 5.04
N PRO A 230 -1.47 -6.35 6.16
CA PRO A 230 -0.85 -6.65 7.47
C PRO A 230 -0.40 -8.10 7.63
N LYS A 231 -1.15 -9.05 7.06
CA LYS A 231 -0.72 -10.45 7.11
C LYS A 231 0.61 -10.66 6.40
N PHE A 232 0.75 -10.14 5.18
CA PHE A 232 2.03 -10.27 4.46
C PHE A 232 3.14 -9.51 5.19
N ILE A 233 2.83 -8.31 5.67
CA ILE A 233 3.85 -7.56 6.41
C ILE A 233 4.27 -8.31 7.67
N GLU A 234 3.31 -8.85 8.42
CA GLU A 234 3.69 -9.65 9.59
C GLU A 234 4.55 -10.84 9.20
N PHE A 235 4.20 -11.55 8.13
CA PHE A 235 4.98 -12.72 7.76
C PHE A 235 6.42 -12.36 7.43
N TYR A 236 6.63 -11.30 6.66
CA TYR A 236 7.98 -10.97 6.22
C TYR A 236 8.80 -10.24 7.29
N THR A 237 8.17 -9.64 8.30
CA THR A 237 8.89 -8.78 9.24
C THR A 237 10.10 -9.45 9.90
N PRO A 238 10.01 -10.66 10.44
CA PRO A 238 11.22 -11.24 11.10
C PRO A 238 12.35 -11.55 10.12
N ARG A 239 12.04 -11.89 8.86
CA ARG A 239 13.10 -12.06 7.87
C ARG A 239 13.76 -10.72 7.56
N ILE A 240 12.96 -9.76 7.10
CA ILE A 240 13.46 -8.41 6.82
C ILE A 240 14.29 -7.93 8.00
N ASN A 241 13.74 -8.09 9.21
CA ASN A 241 14.38 -7.61 10.41
C ASN A 241 15.76 -8.22 10.62
N ALA A 242 15.94 -9.47 10.20
CA ALA A 242 17.24 -10.12 10.25
C ALA A 242 18.05 -9.97 8.96
N GLY A 243 17.63 -9.09 8.04
CA GLY A 243 18.36 -8.91 6.79
C GLY A 243 18.46 -10.16 5.93
N GLU A 244 17.44 -11.01 5.96
CA GLU A 244 17.45 -12.26 5.22
C GLU A 244 16.29 -12.29 4.23
N TYR A 245 16.55 -12.77 3.01
CA TYR A 245 15.56 -12.71 1.93
C TYR A 245 15.52 -14.01 1.15
N PRO A 246 15.31 -15.14 1.83
CA PRO A 246 15.30 -16.43 1.12
C PRO A 246 14.12 -16.52 0.17
N GLY A 247 14.29 -17.35 -0.86
CA GLY A 247 13.24 -17.46 -1.86
C GLY A 247 12.32 -18.66 -1.69
N ASP A 248 11.87 -18.95 -0.46
CA ASP A 248 11.12 -20.18 -0.23
C ASP A 248 9.63 -20.03 -0.52
N VAL A 249 9.07 -18.83 -0.44
CA VAL A 249 7.65 -18.63 -0.74
C VAL A 249 7.42 -17.67 -1.89
N ASP A 250 8.42 -16.93 -2.34
CA ASP A 250 8.28 -16.08 -3.51
C ASP A 250 9.66 -15.84 -4.09
N ARG A 251 9.71 -15.58 -5.39
CA ARG A 251 10.93 -15.30 -6.11
C ARG A 251 10.82 -13.93 -6.75
N LEU A 252 11.86 -13.12 -6.57
CA LEU A 252 11.94 -11.85 -7.28
C LEU A 252 11.63 -12.01 -8.77
N ALA A 253 12.21 -13.03 -9.40
CA ALA A 253 12.02 -13.20 -10.84
C ALA A 253 10.54 -13.36 -11.19
N MET A 254 9.83 -14.21 -10.44
CA MET A 254 8.39 -14.34 -10.68
C MET A 254 7.65 -13.04 -10.36
N GLY A 255 8.17 -12.26 -9.42
CA GLY A 255 7.50 -11.01 -9.10
C GLY A 255 7.61 -9.99 -10.21
N MET A 256 8.81 -9.84 -10.79
CA MET A 256 8.97 -8.91 -11.91
C MET A 256 8.07 -9.27 -13.08
N ALA A 257 7.91 -10.58 -13.36
CA ALA A 257 6.99 -11.01 -14.40
C ALA A 257 5.55 -10.60 -14.07
N SER A 258 5.16 -10.72 -12.81
CA SER A 258 3.83 -10.28 -12.43
C SER A 258 3.68 -8.78 -12.61
N VAL A 259 4.69 -7.99 -12.18
CA VAL A 259 4.64 -6.55 -12.41
C VAL A 259 4.57 -6.25 -13.90
N GLU A 260 5.29 -7.04 -14.71
CA GLU A 260 5.26 -6.86 -16.16
C GLU A 260 3.85 -7.03 -16.71
N HIS A 261 3.18 -8.13 -16.34
CA HIS A 261 1.79 -8.31 -16.71
C HIS A 261 0.96 -7.09 -16.32
N VAL A 262 1.17 -6.55 -15.11
CA VAL A 262 0.37 -5.40 -14.68
C VAL A 262 0.58 -4.23 -15.63
N VAL A 263 1.83 -3.93 -15.99
CA VAL A 263 2.06 -2.79 -16.89
C VAL A 263 1.37 -3.02 -18.24
N HIS A 264 1.45 -4.23 -18.76
CA HIS A 264 0.82 -4.54 -20.05
C HIS A 264 -0.70 -4.38 -19.98
N THR A 265 -1.32 -4.80 -18.86
CA THR A 265 -2.76 -4.57 -18.68
C THR A 265 -3.05 -3.08 -18.63
N THR A 266 -2.26 -2.35 -17.84
CA THR A 266 -2.46 -0.90 -17.75
C THR A 266 -2.36 -0.23 -19.12
N GLN A 267 -1.42 -0.65 -19.96
CA GLN A 267 -1.28 0.09 -21.21
C GLN A 267 -2.38 -0.33 -22.22
N ASP A 268 -2.84 -1.58 -22.14
CA ASP A 268 -3.95 -1.99 -23.00
C ASP A 268 -5.22 -1.25 -22.65
N ALA A 269 -5.36 -0.81 -21.40
CA ALA A 269 -6.52 -0.01 -21.03
C ALA A 269 -6.38 1.45 -21.43
N GLY A 270 -5.21 1.85 -21.93
CA GLY A 270 -4.95 3.26 -22.17
C GLY A 270 -4.72 4.07 -20.91
N ILE A 271 -4.21 3.45 -19.85
CA ILE A 271 -4.04 4.15 -18.58
C ILE A 271 -2.55 4.49 -18.39
N ASP A 272 -2.31 5.62 -17.75
CA ASP A 272 -0.94 6.08 -17.52
C ASP A 272 -0.11 5.02 -16.78
N ILE A 273 1.13 4.83 -17.24
CA ILE A 273 2.00 3.74 -16.77
C ILE A 273 3.06 4.20 -15.76
N THR A 274 3.11 5.50 -15.45
CA THR A 274 4.11 6.04 -14.52
C THR A 274 4.25 5.19 -13.27
N LEU A 275 3.14 4.98 -12.56
CA LEU A 275 3.20 4.32 -11.27
C LEU A 275 3.72 2.88 -11.38
N PRO A 276 3.12 2.00 -12.17
CA PRO A 276 3.61 0.62 -12.19
C PRO A 276 4.97 0.46 -12.85
N THR A 277 5.39 1.36 -13.75
CA THR A 277 6.73 1.21 -14.30
C THR A 277 7.80 1.65 -13.32
N ALA A 278 7.51 2.62 -12.45
CA ALA A 278 8.43 2.89 -11.34
C ALA A 278 8.62 1.63 -10.49
N VAL A 279 7.52 0.99 -10.11
CA VAL A 279 7.58 -0.32 -9.43
C VAL A 279 8.47 -1.30 -10.19
N LEU A 280 8.26 -1.39 -11.51
CA LEU A 280 9.03 -2.34 -12.32
C LEU A 280 10.50 -1.97 -12.35
N GLU A 281 10.81 -0.68 -12.34
CA GLU A 281 12.21 -0.28 -12.32
C GLU A 281 12.92 -0.89 -11.12
N VAL A 282 12.29 -0.79 -9.94
CA VAL A 282 12.89 -1.36 -8.73
C VAL A 282 13.17 -2.85 -8.91
N PHE A 283 12.18 -3.62 -9.38
CA PHE A 283 12.40 -5.04 -9.66
C PHE A 283 13.55 -5.23 -10.62
N ARG A 284 13.68 -4.33 -11.59
CA ARG A 284 14.74 -4.48 -12.58
C ARG A 284 16.11 -4.32 -11.92
N ARG A 285 16.27 -3.26 -11.13
CA ARG A 285 17.52 -3.11 -10.38
C ARG A 285 17.80 -4.34 -9.52
N GLY A 286 16.76 -4.99 -8.99
CA GLY A 286 16.98 -6.19 -8.19
C GLY A 286 17.49 -7.36 -9.02
N MET A 287 16.85 -7.59 -10.16
CA MET A 287 17.32 -8.65 -11.03
C MET A 287 18.76 -8.39 -11.46
N GLU A 288 19.03 -7.17 -11.91
CA GLU A 288 20.36 -6.79 -12.35
C GLU A 288 21.38 -7.07 -11.26
N ASN A 289 20.97 -7.11 -10.00
CA ASN A 289 22.01 -7.17 -9.00
C ASN A 289 22.16 -8.58 -8.47
N GLY A 290 21.53 -9.56 -9.13
CA GLY A 290 21.72 -10.96 -8.80
C GLY A 290 20.76 -11.52 -7.77
N HIS A 291 19.56 -10.96 -7.65
CA HIS A 291 18.63 -11.40 -6.61
C HIS A 291 17.45 -12.16 -7.17
N ALA A 292 17.56 -12.62 -8.42
CA ALA A 292 16.47 -13.35 -9.06
C ALA A 292 15.86 -14.34 -8.09
N GLY A 293 16.71 -15.10 -7.40
CA GLY A 293 16.27 -16.18 -6.53
C GLY A 293 15.96 -15.77 -5.09
N ASN A 294 16.08 -14.51 -4.75
CA ASN A 294 15.71 -14.07 -3.42
C ASN A 294 14.23 -13.78 -3.36
N SER A 295 13.72 -13.61 -2.15
CA SER A 295 12.41 -13.02 -1.97
C SER A 295 12.39 -11.65 -2.64
N PHE A 296 11.19 -11.24 -3.08
CA PHE A 296 11.05 -9.88 -3.57
C PHE A 296 11.33 -8.86 -2.46
N THR A 297 11.24 -9.24 -1.19
CA THR A 297 11.53 -8.30 -0.10
C THR A 297 13.01 -7.89 -0.07
N SER A 298 13.90 -8.64 -0.72
CA SER A 298 15.29 -8.17 -0.88
C SER A 298 15.37 -6.86 -1.67
N LEU A 299 14.27 -6.41 -2.28
CA LEU A 299 14.29 -5.10 -2.93
C LEU A 299 14.54 -3.99 -1.93
N ILE A 300 14.48 -4.30 -0.64
CA ILE A 300 14.77 -3.27 0.36
C ILE A 300 16.25 -2.91 0.33
N GLU A 301 17.13 -3.85 -0.03
CA GLU A 301 18.53 -3.50 -0.25
C GLU A 301 18.67 -2.55 -1.42
N ILE A 302 17.92 -2.79 -2.50
CA ILE A 302 17.90 -1.81 -3.60
C ILE A 302 17.55 -0.44 -3.06
N PHE A 303 16.52 -0.34 -2.23
CA PHE A 303 16.14 0.97 -1.71
C PHE A 303 17.27 1.59 -0.88
N LYS A 304 18.07 0.76 -0.22
CA LYS A 304 19.15 1.28 0.61
C LYS A 304 20.42 1.51 -0.19
N LYS A 305 20.37 1.28 -1.49
CA LYS A 305 21.50 1.52 -2.38
C LYS A 305 22.68 0.63 -2.02
N SER A 306 22.38 -0.54 -1.44
CA SER A 306 23.43 -1.53 -1.18
C SER A 306 24.23 -1.84 -2.44
N ASP A 307 23.60 -1.73 -3.62
CA ASP A 307 24.29 -1.93 -4.88
C ASP A 307 25.09 -0.72 -5.35
N ILE A 308 25.01 0.41 -4.67
CA ILE A 308 25.66 1.64 -5.11
C ILE A 308 26.82 1.96 -4.18
N ARG A 309 27.89 2.42 -4.75
CA ARG A 309 29.13 2.49 -4.02
C ARG A 309 29.14 3.71 -3.10
N PRO A 310 29.70 3.56 -1.88
CA PRO A 310 29.72 4.61 -0.85
C PRO A 310 31.06 5.33 -0.78
N SER B 23 -12.31 -38.48 -12.68
CA SER B 23 -13.42 -37.51 -12.60
C SER B 23 -12.86 -36.09 -12.84
N VAL B 24 -11.54 -35.95 -12.89
CA VAL B 24 -10.93 -34.62 -13.18
C VAL B 24 -9.47 -34.85 -13.59
N THR B 25 -8.88 -33.90 -14.33
CA THR B 25 -7.46 -34.00 -14.73
C THR B 25 -6.74 -32.71 -14.35
N VAL B 26 -5.50 -32.81 -13.88
CA VAL B 26 -4.74 -31.56 -13.62
C VAL B 26 -3.51 -31.55 -14.54
N ILE B 27 -3.25 -30.43 -15.20
CA ILE B 27 -2.04 -30.30 -16.06
C ILE B 27 -1.15 -29.18 -15.50
N GLY B 28 0.15 -29.46 -15.28
CA GLY B 28 1.05 -28.47 -14.68
C GLY B 28 1.33 -28.79 -13.23
N LEU B 29 1.97 -29.93 -12.95
CA LEU B 29 2.16 -30.39 -11.54
C LEU B 29 3.12 -29.46 -10.79
N GLY B 30 2.93 -28.16 -10.91
CA GLY B 30 3.75 -27.21 -10.13
C GLY B 30 3.04 -26.83 -8.85
N PRO B 31 3.46 -25.75 -8.19
CA PRO B 31 2.82 -25.28 -6.96
C PRO B 31 1.32 -25.55 -6.87
N MET B 32 0.50 -24.58 -7.30
CA MET B 32 -0.98 -24.77 -7.29
C MET B 32 -1.29 -26.12 -7.91
N GLY B 33 -0.62 -26.47 -9.00
CA GLY B 33 -0.86 -27.76 -9.67
C GLY B 33 -1.06 -28.89 -8.66
N LYS B 34 0.04 -29.38 -8.08
CA LYS B 34 -0.12 -30.40 -7.04
C LYS B 34 -1.07 -29.94 -5.95
N ALA B 35 -0.90 -28.70 -5.46
CA ALA B 35 -1.79 -28.16 -4.45
C ALA B 35 -3.26 -28.36 -4.81
N MET B 36 -3.56 -28.37 -6.10
CA MET B 36 -4.91 -28.70 -6.56
C MET B 36 -5.11 -30.20 -6.64
N ALA B 37 -4.16 -30.90 -7.28
CA ALA B 37 -4.27 -32.34 -7.45
C ALA B 37 -4.45 -33.05 -6.11
N ALA B 38 -3.76 -32.55 -5.08
CA ALA B 38 -3.92 -33.13 -3.74
C ALA B 38 -5.38 -33.07 -3.31
N ALA B 39 -5.97 -31.88 -3.30
CA ALA B 39 -7.35 -31.70 -2.85
C ALA B 39 -8.37 -32.41 -3.73
N PHE B 40 -7.98 -32.84 -4.93
CA PHE B 40 -8.90 -33.59 -5.77
C PHE B 40 -8.94 -35.06 -5.36
N LEU B 41 -7.77 -35.70 -5.27
CA LEU B 41 -7.72 -37.09 -4.86
C LEU B 41 -8.29 -37.28 -3.47
N GLU B 42 -8.38 -36.21 -2.67
CA GLU B 42 -8.97 -36.25 -1.34
C GLU B 42 -10.49 -36.19 -1.36
N HIS B 43 -11.12 -36.47 -2.49
CA HIS B 43 -12.58 -36.49 -2.54
C HIS B 43 -13.17 -37.57 -3.43
N GLY B 44 -12.36 -38.27 -4.23
CA GLY B 44 -12.84 -39.44 -4.95
C GLY B 44 -13.14 -39.26 -6.42
N TYR B 45 -12.28 -38.54 -7.14
CA TYR B 45 -12.35 -38.45 -8.59
C TYR B 45 -11.24 -39.29 -9.21
N LYS B 46 -11.54 -39.91 -10.34
CA LYS B 46 -10.49 -40.50 -11.17
C LYS B 46 -9.62 -39.36 -11.69
N VAL B 47 -8.44 -39.20 -11.08
CA VAL B 47 -7.58 -38.03 -11.30
C VAL B 47 -6.37 -38.47 -12.10
N THR B 48 -6.27 -37.99 -13.34
CA THR B 48 -5.06 -38.14 -14.12
C THR B 48 -4.20 -36.89 -13.96
N VAL B 49 -2.96 -36.95 -14.45
CA VAL B 49 -2.01 -35.85 -14.33
C VAL B 49 -0.98 -35.94 -15.46
N TRP B 50 -0.15 -34.90 -15.55
CA TRP B 50 0.83 -34.77 -16.62
C TRP B 50 1.61 -33.48 -16.42
N ASN B 51 2.88 -33.45 -16.83
CA ASN B 51 3.70 -32.26 -16.65
C ASN B 51 4.46 -31.97 -17.93
N ARG B 52 4.71 -30.67 -18.16
CA ARG B 52 5.42 -30.17 -19.33
C ARG B 52 6.79 -30.84 -19.49
N THR B 53 7.71 -30.54 -18.56
CA THR B 53 9.03 -31.14 -18.60
C THR B 53 8.98 -32.66 -18.54
N SER B 54 7.83 -33.24 -18.25
CA SER B 54 7.63 -34.69 -18.31
C SER B 54 8.42 -35.44 -17.24
N ASN B 55 8.73 -34.76 -16.14
CA ASN B 55 9.22 -35.47 -14.97
C ASN B 55 8.10 -36.30 -14.35
N LYS B 56 8.48 -37.36 -13.65
CA LYS B 56 7.48 -38.31 -13.18
C LYS B 56 6.64 -37.73 -12.05
N ALA B 57 7.27 -36.99 -11.13
CA ALA B 57 6.57 -36.45 -9.95
C ALA B 57 5.74 -37.55 -9.28
N ASP B 58 6.40 -38.64 -8.93
CA ASP B 58 5.72 -39.88 -8.56
C ASP B 58 4.62 -39.64 -7.53
N GLU B 59 4.95 -38.95 -6.44
CA GLU B 59 4.18 -39.01 -5.19
C GLU B 59 2.68 -39.20 -5.36
N LEU B 60 2.01 -38.27 -6.04
CA LEU B 60 0.55 -38.32 -6.10
C LEU B 60 0.02 -39.52 -6.87
N ILE B 61 0.87 -40.22 -7.62
CA ILE B 61 0.44 -41.46 -8.28
C ILE B 61 0.08 -42.52 -7.24
N THR B 62 0.54 -42.36 -6.00
CA THR B 62 0.27 -43.29 -4.92
C THR B 62 -1.02 -42.97 -4.18
N LYS B 63 -1.92 -42.20 -4.78
CA LYS B 63 -3.16 -41.84 -4.10
C LYS B 63 -4.36 -41.79 -5.04
N GLY B 64 -4.31 -42.51 -6.15
CA GLY B 64 -5.41 -42.57 -7.09
C GLY B 64 -5.20 -41.81 -8.39
N ALA B 65 -3.95 -41.55 -8.78
CA ALA B 65 -3.63 -40.72 -9.94
C ALA B 65 -2.96 -41.56 -11.01
N VAL B 66 -3.60 -41.68 -12.16
CA VAL B 66 -2.94 -42.18 -13.36
C VAL B 66 -2.18 -41.03 -13.98
N ARG B 67 -1.04 -41.33 -14.62
CA ARG B 67 -0.25 -40.31 -15.28
C ARG B 67 0.08 -40.79 -16.69
N ALA B 68 -0.54 -40.16 -17.68
CA ALA B 68 -0.42 -40.60 -19.06
C ALA B 68 0.94 -40.25 -19.64
N SER B 69 1.31 -40.98 -20.70
CA SER B 69 2.58 -40.78 -21.39
C SER B 69 2.50 -39.69 -22.45
N THR B 70 1.34 -39.08 -22.64
CA THR B 70 1.21 -37.88 -23.46
C THR B 70 -0.04 -37.16 -22.99
N VAL B 71 -0.25 -35.96 -23.53
CA VAL B 71 -1.48 -35.23 -23.25
C VAL B 71 -2.66 -35.82 -24.02
N HIS B 72 -2.40 -36.53 -25.12
CA HIS B 72 -3.49 -37.15 -25.88
C HIS B 72 -4.46 -37.88 -24.97
N GLU B 73 -3.93 -38.78 -24.13
CA GLU B 73 -4.80 -39.52 -23.22
C GLU B 73 -5.17 -38.71 -22.00
N ALA B 74 -4.22 -37.94 -21.45
CA ALA B 74 -4.56 -37.19 -20.23
C ALA B 74 -5.77 -36.30 -20.51
N LEU B 75 -6.03 -36.03 -21.78
CA LEU B 75 -7.19 -35.22 -22.18
C LEU B 75 -8.40 -36.14 -22.32
N ALA B 76 -8.20 -37.28 -22.97
CA ALA B 76 -9.33 -38.20 -23.22
C ALA B 76 -9.71 -38.95 -21.93
N ALA B 77 -9.00 -38.67 -20.85
CA ALA B 77 -9.32 -39.31 -19.55
C ALA B 77 -10.64 -38.75 -19.01
N ASN B 78 -10.76 -37.43 -18.89
CA ASN B 78 -11.98 -36.83 -18.28
C ASN B 78 -12.46 -35.64 -19.09
N GLU B 79 -13.68 -35.15 -18.79
CA GLU B 79 -14.25 -34.00 -19.52
C GLU B 79 -13.69 -32.72 -18.90
N LEU B 80 -13.53 -32.70 -17.58
CA LEU B 80 -12.95 -31.55 -16.94
C LEU B 80 -11.44 -31.64 -16.97
N VAL B 81 -10.79 -30.51 -17.25
CA VAL B 81 -9.34 -30.42 -17.24
C VAL B 81 -8.93 -29.07 -16.67
N ILE B 82 -7.95 -29.09 -15.77
CA ILE B 82 -7.47 -27.89 -15.09
C ILE B 82 -6.07 -27.60 -15.58
N LEU B 83 -5.86 -26.38 -16.09
CA LEU B 83 -4.59 -25.95 -16.66
C LEU B 83 -3.92 -24.97 -15.71
N SER B 84 -2.84 -25.40 -15.09
CA SER B 84 -2.04 -24.57 -14.20
C SER B 84 -0.65 -24.46 -14.79
N LEU B 85 -0.54 -23.73 -15.89
CA LEU B 85 0.73 -23.61 -16.61
C LEU B 85 1.49 -22.37 -16.20
N THR B 86 2.79 -22.38 -16.49
CA THR B 86 3.62 -21.21 -16.27
C THR B 86 3.01 -19.98 -16.92
N ASP B 87 2.78 -20.03 -18.23
CA ASP B 87 2.05 -18.97 -18.92
C ASP B 87 1.37 -19.52 -20.17
N TYR B 88 0.54 -18.66 -20.79
CA TYR B 88 -0.32 -19.09 -21.88
C TYR B 88 0.47 -19.63 -23.07
N ASP B 89 1.67 -19.11 -23.31
CA ASP B 89 2.47 -19.61 -24.42
C ASP B 89 2.68 -21.11 -24.30
N ALA B 90 2.85 -21.62 -23.09
CA ALA B 90 3.03 -23.05 -22.89
C ALA B 90 1.77 -23.83 -23.19
N MET B 91 0.60 -23.18 -23.11
CA MET B 91 -0.66 -23.86 -23.39
C MET B 91 -0.73 -24.28 -24.85
N TYR B 92 -0.48 -23.34 -25.77
CA TYR B 92 -0.50 -23.68 -27.19
C TYR B 92 0.49 -24.81 -27.49
N THR B 93 1.64 -24.78 -26.84
CA THR B 93 2.72 -25.70 -27.21
C THR B 93 2.31 -27.16 -26.99
N ILE B 94 1.76 -27.46 -25.81
CA ILE B 94 1.44 -28.85 -25.50
C ILE B 94 0.08 -29.27 -26.05
N LEU B 95 -0.87 -28.34 -26.13
CA LEU B 95 -2.24 -28.69 -26.52
C LEU B 95 -2.43 -28.74 -28.02
N GLU B 96 -1.60 -28.04 -28.79
CA GLU B 96 -1.71 -28.10 -30.25
C GLU B 96 -1.58 -29.52 -30.78
N PRO B 97 -0.59 -30.31 -30.35
CA PRO B 97 -0.53 -31.70 -30.83
C PRO B 97 -1.83 -32.45 -30.67
N ALA B 98 -2.58 -32.21 -29.59
CA ALA B 98 -3.79 -32.97 -29.28
C ALA B 98 -5.07 -32.21 -29.63
N SER B 99 -4.99 -31.16 -30.47
CA SER B 99 -6.15 -30.31 -30.69
C SER B 99 -7.37 -31.09 -31.18
N GLU B 100 -7.16 -32.27 -31.78
CA GLU B 100 -8.28 -33.10 -32.21
C GLU B 100 -9.07 -33.70 -31.05
N ASN B 101 -8.52 -33.67 -29.84
CA ASN B 101 -9.19 -34.24 -28.67
C ASN B 101 -9.59 -33.19 -27.65
N LEU B 102 -9.28 -31.92 -27.87
CA LEU B 102 -9.84 -30.88 -27.02
C LEU B 102 -11.35 -30.82 -27.11
N SER B 103 -11.91 -31.51 -28.08
CA SER B 103 -13.27 -31.24 -28.54
C SER B 103 -14.26 -31.97 -27.65
N GLY B 104 -15.18 -31.23 -27.04
CA GLY B 104 -16.10 -31.76 -26.06
C GLY B 104 -15.63 -31.67 -24.63
N LYS B 105 -14.42 -31.19 -24.40
CA LYS B 105 -13.85 -31.01 -23.08
C LYS B 105 -14.22 -29.64 -22.53
N VAL B 106 -14.10 -29.51 -21.23
CA VAL B 106 -14.20 -28.22 -20.55
C VAL B 106 -12.83 -27.96 -19.95
N LEU B 107 -12.15 -26.93 -20.44
CA LEU B 107 -10.81 -26.61 -20.01
C LEU B 107 -10.91 -25.46 -19.03
N VAL B 108 -10.48 -25.68 -17.79
CA VAL B 108 -10.39 -24.61 -16.80
C VAL B 108 -8.95 -24.11 -16.84
N ASN B 109 -8.78 -22.88 -17.29
CA ASN B 109 -7.46 -22.31 -17.51
C ASN B 109 -7.17 -21.30 -16.39
N LEU B 110 -6.27 -21.69 -15.48
CA LEU B 110 -5.91 -20.89 -14.32
C LEU B 110 -4.58 -20.24 -14.65
N SER B 111 -4.57 -18.93 -14.83
CA SER B 111 -3.37 -18.24 -15.29
C SER B 111 -3.16 -16.96 -14.48
N SER B 112 -2.05 -16.31 -14.77
CA SER B 112 -1.75 -15.01 -14.20
C SER B 112 -1.55 -13.95 -15.29
N ASP B 113 -2.05 -14.20 -16.50
CA ASP B 113 -1.72 -13.39 -17.66
C ASP B 113 -2.77 -12.32 -17.91
N THR B 114 -2.48 -11.47 -18.89
CA THR B 114 -3.29 -10.30 -19.16
C THR B 114 -4.66 -10.70 -19.71
N PRO B 115 -5.65 -9.81 -19.60
CA PRO B 115 -6.96 -10.13 -20.17
C PRO B 115 -6.91 -10.52 -21.65
N ASP B 116 -6.09 -9.85 -22.47
CA ASP B 116 -6.10 -10.13 -23.92
C ASP B 116 -5.61 -11.54 -24.17
N LYS B 117 -4.56 -11.96 -23.42
CA LYS B 117 -4.06 -13.34 -23.53
C LYS B 117 -5.13 -14.36 -23.17
N ALA B 118 -5.88 -14.13 -22.08
CA ALA B 118 -6.99 -15.02 -21.70
C ALA B 118 -8.04 -15.15 -22.82
N ARG B 119 -8.44 -14.02 -23.41
CA ARG B 119 -9.49 -14.10 -24.41
C ARG B 119 -8.96 -14.57 -25.77
N GLU B 120 -7.69 -14.29 -26.11
CA GLU B 120 -7.07 -15.04 -27.21
C GLU B 120 -7.15 -16.54 -26.95
N ALA B 121 -6.74 -16.98 -25.74
CA ALA B 121 -6.74 -18.41 -25.45
C ALA B 121 -8.13 -19.00 -25.56
N ALA B 122 -9.14 -18.29 -25.04
CA ALA B 122 -10.48 -18.85 -25.03
C ALA B 122 -10.98 -19.11 -26.44
N LYS B 123 -10.72 -18.18 -27.36
CA LYS B 123 -11.19 -18.38 -28.72
C LYS B 123 -10.49 -19.56 -29.34
N TRP B 124 -9.19 -19.68 -29.09
CA TRP B 124 -8.44 -20.81 -29.63
C TRP B 124 -9.08 -22.11 -29.20
N LEU B 125 -9.46 -22.22 -27.93
CA LEU B 125 -10.08 -23.44 -27.41
C LEU B 125 -11.50 -23.61 -27.93
N ALA B 126 -12.25 -22.52 -28.05
CA ALA B 126 -13.60 -22.64 -28.59
C ALA B 126 -13.58 -23.13 -30.03
N ASN B 127 -12.54 -22.79 -30.79
CA ASN B 127 -12.45 -23.17 -32.19
C ASN B 127 -12.02 -24.62 -32.36
N ARG B 128 -11.72 -25.31 -31.26
CA ARG B 128 -11.48 -26.74 -31.25
C ARG B 128 -12.68 -27.53 -30.74
N GLY B 129 -13.78 -26.86 -30.45
CA GLY B 129 -14.96 -27.52 -29.93
C GLY B 129 -14.99 -27.67 -28.43
N ALA B 130 -14.10 -27.02 -27.69
CA ALA B 130 -14.02 -27.20 -26.24
C ALA B 130 -14.77 -26.08 -25.52
N GLY B 131 -15.24 -26.40 -24.31
CA GLY B 131 -15.66 -25.35 -23.40
C GLY B 131 -14.50 -24.78 -22.61
N HIS B 132 -14.69 -23.58 -22.06
CA HIS B 132 -13.59 -22.95 -21.36
C HIS B 132 -14.12 -22.11 -20.20
N ILE B 133 -13.27 -22.01 -19.18
CA ILE B 133 -13.48 -21.15 -18.03
C ILE B 133 -12.13 -20.53 -17.69
N THR B 134 -12.10 -19.20 -17.58
CA THR B 134 -10.87 -18.51 -17.22
C THR B 134 -10.86 -18.26 -15.72
N GLY B 135 -9.79 -18.66 -15.05
CA GLY B 135 -9.67 -18.54 -13.60
C GLY B 135 -8.56 -17.61 -13.17
N GLY B 136 -8.85 -16.80 -12.15
CA GLY B 136 -7.85 -15.95 -11.53
C GLY B 136 -7.65 -16.26 -10.06
N VAL B 137 -6.68 -17.11 -9.74
CA VAL B 137 -6.48 -17.56 -8.37
C VAL B 137 -6.01 -16.41 -7.51
N GLN B 138 -6.64 -16.24 -6.35
CA GLN B 138 -6.35 -15.10 -5.50
C GLN B 138 -5.39 -15.41 -4.37
N VAL B 139 -4.93 -16.65 -4.24
CA VAL B 139 -4.15 -17.06 -3.07
C VAL B 139 -3.02 -17.98 -3.48
N PRO B 140 -1.91 -17.95 -2.77
CA PRO B 140 -0.82 -18.93 -2.98
C PRO B 140 -1.35 -20.36 -2.92
N PRO B 141 -0.55 -21.34 -3.33
CA PRO B 141 -1.02 -22.73 -3.26
C PRO B 141 -1.42 -23.16 -1.86
N SER B 142 -0.93 -22.45 -0.83
CA SER B 142 -1.34 -22.75 0.54
C SER B 142 -2.81 -22.43 0.78
N GLY B 143 -3.37 -21.50 0.01
CA GLY B 143 -4.76 -21.15 0.07
C GLY B 143 -5.69 -22.08 -0.66
N ILE B 144 -5.21 -23.25 -1.10
CA ILE B 144 -6.05 -24.24 -1.76
C ILE B 144 -6.89 -24.97 -0.72
N SER B 149 -10.66 -17.82 1.06
CA SER B 149 -10.03 -18.29 -0.21
C SER B 149 -11.06 -18.15 -1.34
N SER B 150 -10.73 -17.35 -2.35
CA SER B 150 -11.65 -17.13 -3.49
C SER B 150 -10.87 -17.11 -4.79
N THR B 151 -11.57 -17.26 -5.90
CA THR B 151 -10.98 -17.27 -7.22
C THR B 151 -11.89 -16.51 -8.16
N TYR B 152 -11.29 -15.77 -9.08
CA TYR B 152 -12.06 -15.17 -10.15
C TYR B 152 -12.35 -16.22 -11.22
N TYR B 153 -13.55 -16.14 -11.78
CA TYR B 153 -13.96 -16.98 -12.89
C TYR B 153 -14.76 -16.16 -13.88
N SER B 154 -14.46 -16.32 -15.16
CA SER B 154 -15.24 -15.70 -16.21
C SER B 154 -15.28 -16.65 -17.41
N GLY B 155 -16.16 -16.34 -18.37
CA GLY B 155 -16.42 -17.19 -19.50
C GLY B 155 -17.90 -17.51 -19.63
N PRO B 156 -18.26 -18.40 -20.56
CA PRO B 156 -19.66 -18.80 -20.71
C PRO B 156 -20.29 -19.21 -19.40
N LYS B 157 -21.37 -18.52 -19.06
CA LYS B 157 -22.06 -18.69 -17.78
C LYS B 157 -22.45 -20.16 -17.53
N GLU B 158 -23.11 -20.77 -18.51
CA GLU B 158 -23.65 -22.10 -18.36
C GLU B 158 -22.55 -23.12 -18.06
N VAL B 159 -21.40 -23.01 -18.72
CA VAL B 159 -20.34 -24.00 -18.49
C VAL B 159 -19.71 -23.81 -17.11
N PHE B 160 -19.75 -22.60 -16.57
CA PHE B 160 -19.24 -22.39 -15.22
C PHE B 160 -20.19 -22.97 -14.19
N GLU B 161 -21.48 -22.65 -14.28
CA GLU B 161 -22.43 -23.19 -13.31
C GLU B 161 -22.39 -24.71 -13.31
N ALA B 162 -22.19 -25.33 -14.47
CA ALA B 162 -22.16 -26.79 -14.57
C ALA B 162 -20.99 -27.41 -13.80
N ASN B 163 -19.86 -26.71 -13.66
CA ASN B 163 -18.72 -27.28 -12.96
C ASN B 163 -18.45 -26.52 -11.68
N LYS B 164 -19.44 -25.76 -11.22
CA LYS B 164 -19.29 -24.90 -10.06
C LYS B 164 -18.82 -25.70 -8.84
N GLU B 165 -19.68 -26.60 -8.35
CA GLU B 165 -19.38 -27.52 -7.25
C GLU B 165 -17.97 -28.11 -7.30
N THR B 166 -17.56 -28.66 -8.44
CA THR B 166 -16.20 -29.20 -8.56
C THR B 166 -15.17 -28.12 -8.27
N LEU B 167 -15.37 -26.91 -8.80
CA LEU B 167 -14.38 -25.85 -8.57
C LEU B 167 -14.38 -25.42 -7.10
N GLU B 168 -15.53 -25.41 -6.44
CA GLU B 168 -15.59 -25.00 -5.04
C GLU B 168 -14.74 -25.88 -4.12
N VAL B 169 -14.28 -27.04 -4.60
CA VAL B 169 -13.33 -27.84 -3.82
C VAL B 169 -12.01 -27.09 -3.67
N LEU B 170 -11.54 -26.44 -4.74
CA LEU B 170 -10.22 -25.82 -4.74
C LEU B 170 -10.22 -24.54 -3.91
N THR B 171 -11.12 -23.62 -4.22
CA THR B 171 -11.30 -22.38 -3.47
C THR B 171 -12.74 -21.94 -3.66
N GLY B 172 -13.13 -20.88 -2.96
CA GLY B 172 -14.40 -20.24 -3.27
C GLY B 172 -14.40 -19.71 -4.68
N THR B 173 -15.58 -19.67 -5.28
CA THR B 173 -15.74 -19.24 -6.66
C THR B 173 -16.42 -17.88 -6.72
N ASP B 174 -15.95 -17.02 -7.62
CA ASP B 174 -16.47 -15.67 -7.72
C ASP B 174 -16.62 -15.33 -9.20
N TYR B 175 -17.70 -15.83 -9.79
CA TYR B 175 -17.97 -15.61 -11.20
C TYR B 175 -18.14 -14.13 -11.47
N ARG B 176 -17.45 -13.62 -12.49
CA ARG B 176 -17.44 -12.19 -12.78
C ARG B 176 -18.15 -11.82 -14.07
N GLY B 177 -18.51 -12.77 -14.90
CA GLY B 177 -19.24 -12.41 -16.08
C GLY B 177 -18.77 -13.21 -17.26
N GLU B 178 -19.19 -12.76 -18.43
CA GLU B 178 -19.10 -13.54 -19.66
C GLU B 178 -17.74 -13.44 -20.35
N ASP B 179 -17.16 -12.25 -20.42
CA ASP B 179 -15.88 -12.04 -21.09
C ASP B 179 -14.80 -12.93 -20.47
N PRO B 180 -14.10 -13.75 -21.25
CA PRO B 180 -13.07 -14.62 -20.66
C PRO B 180 -11.89 -13.85 -20.07
N GLY B 181 -11.73 -12.56 -20.40
CA GLY B 181 -10.67 -11.74 -19.85
C GLY B 181 -10.99 -11.06 -18.52
N LEU B 182 -12.25 -11.10 -18.06
CA LEU B 182 -12.61 -10.45 -16.80
C LEU B 182 -11.84 -11.06 -15.63
N ALA B 183 -11.69 -12.37 -15.61
CA ALA B 183 -11.01 -13.02 -14.50
C ALA B 183 -9.55 -12.61 -14.43
N ALA B 184 -8.86 -12.57 -15.58
CA ALA B 184 -7.49 -12.04 -15.61
C ALA B 184 -7.47 -10.58 -15.21
N LEU B 185 -8.41 -9.79 -15.70
CA LEU B 185 -8.40 -8.37 -15.39
C LEU B 185 -8.47 -8.15 -13.89
N TYR B 186 -9.43 -8.79 -13.23
CA TYR B 186 -9.59 -8.65 -11.79
C TYR B 186 -8.34 -9.08 -11.05
N TYR B 187 -7.69 -10.13 -11.52
CA TYR B 187 -6.44 -10.54 -10.90
C TYR B 187 -5.41 -9.42 -11.03
N GLN B 188 -5.30 -8.85 -12.22
CA GLN B 188 -4.22 -7.91 -12.50
C GLN B 188 -4.37 -6.62 -11.71
N ILE B 189 -5.59 -6.15 -11.50
CA ILE B 189 -5.74 -4.92 -10.73
C ILE B 189 -5.59 -5.16 -9.22
N GLN B 190 -5.87 -6.38 -8.72
CA GLN B 190 -5.40 -6.73 -7.39
C GLN B 190 -3.89 -6.65 -7.31
N MET B 191 -3.19 -7.27 -8.27
CA MET B 191 -1.72 -7.29 -8.21
C MET B 191 -1.15 -5.91 -8.39
N ASP B 192 -1.84 -5.05 -9.16
CA ASP B 192 -1.43 -3.65 -9.23
C ASP B 192 -1.27 -3.08 -7.83
N MET B 193 -2.32 -3.23 -7.00
CA MET B 193 -2.32 -2.63 -5.68
C MET B 193 -1.33 -3.33 -4.77
N PHE B 194 -1.35 -4.65 -4.78
CA PHE B 194 -0.47 -5.41 -3.91
C PHE B 194 0.99 -5.03 -4.16
N TRP B 195 1.44 -5.06 -5.42
CA TRP B 195 2.86 -4.82 -5.66
C TRP B 195 3.24 -3.40 -5.30
N THR B 196 2.39 -2.43 -5.61
CA THR B 196 2.75 -1.04 -5.36
C THR B 196 2.73 -0.73 -3.86
N ALA B 197 1.69 -1.21 -3.15
CA ALA B 197 1.62 -0.95 -1.71
C ALA B 197 2.72 -1.68 -0.96
N MET B 198 3.05 -2.91 -1.38
CA MET B 198 4.08 -3.69 -0.69
C MET B 198 5.47 -3.07 -0.88
N LEU B 199 5.77 -2.52 -2.07
CA LEU B 199 7.03 -1.81 -2.22
C LEU B 199 7.05 -0.51 -1.45
N SER B 200 5.93 0.18 -1.33
CA SER B 200 5.98 1.36 -0.49
C SER B 200 6.26 0.96 0.96
N TYR B 201 5.81 -0.23 1.40
CA TYR B 201 6.16 -0.71 2.74
C TYR B 201 7.65 -1.04 2.84
N LEU B 202 8.21 -1.73 1.83
CA LEU B 202 9.65 -1.95 1.80
C LEU B 202 10.40 -0.63 1.75
N HIS B 203 9.90 0.33 0.96
CA HIS B 203 10.53 1.64 0.91
C HIS B 203 10.48 2.32 2.28
N ALA B 204 9.31 2.32 2.90
CA ALA B 204 9.17 2.93 4.21
C ALA B 204 10.06 2.24 5.22
N THR B 205 10.23 0.93 5.10
CA THR B 205 11.11 0.19 6.01
C THR B 205 12.57 0.57 5.80
N ALA B 206 12.99 0.77 4.54
CA ALA B 206 14.35 1.25 4.29
C ALA B 206 14.58 2.60 4.96
N VAL B 207 13.61 3.51 4.83
CA VAL B 207 13.77 4.82 5.45
C VAL B 207 13.85 4.66 6.96
N ALA B 208 13.03 3.78 7.53
CA ALA B 208 13.03 3.57 8.98
C ALA B 208 14.38 3.07 9.45
N GLN B 209 14.89 1.99 8.85
CA GLN B 209 16.17 1.44 9.29
C GLN B 209 17.29 2.47 9.22
N ALA B 210 17.36 3.24 8.13
CA ALA B 210 18.43 4.23 8.01
C ALA B 210 18.38 5.26 9.13
N ASN B 211 17.20 5.47 9.74
CA ASN B 211 17.07 6.36 10.89
C ASN B 211 17.07 5.59 12.20
N GLY B 212 17.50 4.32 12.17
CA GLY B 212 17.70 3.58 13.40
C GLY B 212 16.50 2.91 14.04
N ILE B 213 15.36 2.72 13.36
CA ILE B 213 14.29 1.91 13.91
C ILE B 213 14.18 0.63 13.09
N THR B 214 13.98 -0.50 13.77
CA THR B 214 14.02 -1.79 13.12
C THR B 214 12.70 -2.09 12.40
N ALA B 215 12.75 -3.09 11.52
CA ALA B 215 11.54 -3.57 10.89
C ALA B 215 10.53 -4.08 11.92
N GLU B 216 11.02 -4.62 13.04
CA GLU B 216 10.11 -5.13 14.07
C GLU B 216 9.41 -3.98 14.80
N GLN B 217 10.13 -2.90 15.11
CA GLN B 217 9.49 -1.75 15.73
C GLN B 217 8.51 -1.07 14.79
N PHE B 218 8.79 -1.07 13.49
CA PHE B 218 7.92 -0.41 12.53
C PHE B 218 6.64 -1.22 12.25
N LEU B 219 6.64 -2.53 12.47
CA LEU B 219 5.50 -3.37 12.09
C LEU B 219 4.14 -2.80 12.52
N PRO B 220 3.88 -2.49 13.79
CA PRO B 220 2.50 -2.05 14.13
C PRO B 220 2.11 -0.80 13.39
N TYR B 221 3.07 0.08 13.09
CA TYR B 221 2.76 1.31 12.39
C TYR B 221 2.46 1.05 10.91
N ALA B 222 3.19 0.16 10.28
CA ALA B 222 2.88 -0.18 8.90
C ALA B 222 1.55 -0.92 8.82
N ALA B 223 1.27 -1.78 9.80
CA ALA B 223 -0.01 -2.50 9.85
C ALA B 223 -1.17 -1.53 9.99
N GLU B 224 -1.11 -0.56 10.92
CA GLU B 224 -2.26 0.34 11.06
C GLU B 224 -2.50 1.09 9.77
N THR B 225 -1.44 1.62 9.14
CA THR B 225 -1.62 2.37 7.90
C THR B 225 -2.33 1.52 6.85
N MET B 226 -1.83 0.31 6.61
CA MET B 226 -2.44 -0.50 5.57
C MET B 226 -3.85 -0.92 5.94
N SER B 227 -4.11 -1.15 7.23
CA SER B 227 -5.46 -1.52 7.65
C SER B 227 -6.43 -0.33 7.72
N SER B 228 -5.92 0.91 7.63
CA SER B 228 -6.75 2.10 7.63
C SER B 228 -7.28 2.46 6.25
N LEU B 229 -6.68 1.90 5.18
CA LEU B 229 -7.00 2.29 3.80
C LEU B 229 -8.43 1.93 3.39
N PRO B 230 -8.99 0.78 3.81
CA PRO B 230 -10.39 0.49 3.47
C PRO B 230 -11.34 1.61 3.85
N LYS B 231 -11.14 2.24 5.01
CA LYS B 231 -11.98 3.36 5.40
C LYS B 231 -11.95 4.48 4.35
N PHE B 232 -10.75 4.77 3.81
CA PHE B 232 -10.63 5.84 2.83
C PHE B 232 -11.24 5.43 1.50
N ILE B 233 -11.06 4.17 1.12
CA ILE B 233 -11.64 3.67 -0.12
C ILE B 233 -13.16 3.71 -0.05
N GLU B 234 -13.73 3.19 1.03
CA GLU B 234 -15.18 3.27 1.20
C GLU B 234 -15.67 4.71 1.23
N PHE B 235 -14.88 5.65 1.76
CA PHE B 235 -15.36 7.02 1.80
C PHE B 235 -15.33 7.68 0.42
N TYR B 236 -14.30 7.39 -0.39
CA TYR B 236 -14.09 8.07 -1.66
C TYR B 236 -14.79 7.38 -2.84
N THR B 237 -14.95 6.09 -2.80
CA THR B 237 -15.57 5.34 -3.89
C THR B 237 -16.82 5.99 -4.50
N PRO B 238 -17.85 6.32 -3.71
CA PRO B 238 -19.05 6.92 -4.32
C PRO B 238 -18.76 8.25 -4.98
N ARG B 239 -17.82 9.02 -4.45
CA ARG B 239 -17.47 10.26 -5.12
C ARG B 239 -16.70 9.96 -6.41
N ILE B 240 -15.75 9.04 -6.34
CA ILE B 240 -15.05 8.62 -7.54
C ILE B 240 -16.05 8.09 -8.57
N ASN B 241 -16.98 7.26 -8.12
CA ASN B 241 -17.98 6.70 -9.03
C ASN B 241 -18.71 7.80 -9.78
N ALA B 242 -18.96 8.94 -9.13
CA ALA B 242 -19.71 10.04 -9.72
C ALA B 242 -18.82 11.02 -10.48
N GLY B 243 -17.51 10.74 -10.56
CA GLY B 243 -16.61 11.69 -11.19
C GLY B 243 -16.52 13.02 -10.46
N GLU B 244 -16.79 13.05 -9.15
CA GLU B 244 -16.72 14.28 -8.37
C GLU B 244 -15.54 14.23 -7.40
N TYR B 245 -14.82 15.35 -7.30
CA TYR B 245 -13.61 15.45 -6.51
C TYR B 245 -13.59 16.72 -5.66
N PRO B 246 -14.64 16.98 -4.89
CA PRO B 246 -14.63 18.16 -4.03
C PRO B 246 -13.55 18.05 -2.96
N GLY B 247 -12.98 19.19 -2.61
CA GLY B 247 -11.95 19.24 -1.59
C GLY B 247 -12.47 19.61 -0.22
N ASP B 248 -13.62 19.03 0.17
CA ASP B 248 -14.19 19.39 1.47
C ASP B 248 -13.45 18.74 2.63
N VAL B 249 -12.80 17.61 2.42
CA VAL B 249 -12.06 16.92 3.49
C VAL B 249 -10.57 16.80 3.20
N ASP B 250 -10.11 17.06 1.97
CA ASP B 250 -8.67 17.11 1.73
C ASP B 250 -8.41 17.97 0.50
N ARG B 251 -7.20 18.51 0.43
CA ARG B 251 -6.75 19.31 -0.70
C ARG B 251 -5.56 18.69 -1.42
N LEU B 252 -5.68 18.58 -2.74
CA LEU B 252 -4.55 18.14 -3.55
C LEU B 252 -3.28 18.89 -3.21
N ALA B 253 -3.37 20.20 -2.98
CA ALA B 253 -2.18 20.99 -2.67
C ALA B 253 -1.51 20.48 -1.38
N MET B 254 -2.24 20.45 -0.26
CA MET B 254 -1.70 19.83 0.96
C MET B 254 -1.17 18.44 0.69
N GLY B 255 -1.93 17.65 -0.08
CA GLY B 255 -1.42 16.37 -0.52
C GLY B 255 -0.03 16.50 -1.10
N MET B 256 0.14 17.37 -2.09
CA MET B 256 1.43 17.52 -2.75
C MET B 256 2.52 17.92 -1.77
N ALA B 257 2.28 18.96 -0.97
CA ALA B 257 3.27 19.36 0.01
C ALA B 257 3.66 18.17 0.86
N SER B 258 2.67 17.35 1.22
CA SER B 258 2.96 16.20 2.05
C SER B 258 3.83 15.18 1.31
N VAL B 259 3.57 14.97 0.01
CA VAL B 259 4.44 14.06 -0.72
C VAL B 259 5.84 14.63 -0.86
N GLU B 260 5.97 15.95 -0.93
CA GLU B 260 7.29 16.53 -1.04
C GLU B 260 8.11 16.27 0.22
N HIS B 261 7.45 16.33 1.38
CA HIS B 261 8.08 16.00 2.65
C HIS B 261 8.54 14.55 2.70
N VAL B 262 7.78 13.65 2.06
CA VAL B 262 8.20 12.25 1.99
C VAL B 262 9.45 12.11 1.12
N VAL B 263 9.47 12.78 -0.03
CA VAL B 263 10.64 12.67 -0.90
C VAL B 263 11.88 13.21 -0.21
N HIS B 264 11.76 14.39 0.44
CA HIS B 264 12.93 14.96 1.12
C HIS B 264 13.34 14.10 2.32
N THR B 265 12.37 13.57 3.08
CA THR B 265 12.72 12.63 4.14
C THR B 265 13.56 11.49 3.58
N THR B 266 13.15 10.95 2.44
CA THR B 266 13.83 9.80 1.86
C THR B 266 15.26 10.15 1.44
N GLN B 267 15.43 11.29 0.76
CA GLN B 267 16.76 11.68 0.32
C GLN B 267 17.69 11.93 1.49
N ASP B 268 17.20 12.63 2.52
CA ASP B 268 18.03 12.88 3.71
C ASP B 268 18.47 11.57 4.35
N ALA B 269 17.65 10.53 4.25
CA ALA B 269 18.02 9.23 4.79
C ALA B 269 18.96 8.46 3.86
N GLY B 270 19.32 9.01 2.70
CA GLY B 270 20.14 8.25 1.79
C GLY B 270 19.45 7.11 1.05
N ILE B 271 18.12 7.17 0.90
CA ILE B 271 17.34 6.08 0.31
C ILE B 271 16.91 6.46 -1.11
N ASP B 272 16.84 5.45 -1.98
CA ASP B 272 16.40 5.66 -3.35
C ASP B 272 15.06 6.37 -3.39
N ILE B 273 14.92 7.36 -4.28
CA ILE B 273 13.74 8.22 -4.27
C ILE B 273 12.82 7.97 -5.46
N THR B 274 13.07 6.94 -6.28
CA THR B 274 12.36 6.82 -7.55
C THR B 274 10.88 6.48 -7.34
N LEU B 275 10.56 5.61 -6.40
CA LEU B 275 9.15 5.30 -6.13
C LEU B 275 8.38 6.53 -5.65
N PRO B 276 8.78 7.20 -4.56
CA PRO B 276 8.00 8.37 -4.13
C PRO B 276 8.04 9.52 -5.13
N THR B 277 9.13 9.65 -5.90
CA THR B 277 9.18 10.64 -6.97
C THR B 277 8.11 10.36 -8.01
N ALA B 278 7.91 9.10 -8.36
CA ALA B 278 6.82 8.78 -9.27
C ALA B 278 5.47 9.23 -8.71
N VAL B 279 5.28 9.06 -7.40
CA VAL B 279 4.09 9.58 -6.72
C VAL B 279 4.02 11.10 -6.86
N LEU B 280 5.14 11.78 -6.59
CA LEU B 280 5.13 13.23 -6.62
C LEU B 280 4.78 13.75 -8.01
N GLU B 281 5.25 13.06 -9.06
CA GLU B 281 4.99 13.46 -10.44
C GLU B 281 3.50 13.43 -10.75
N VAL B 282 2.81 12.36 -10.37
CA VAL B 282 1.36 12.35 -10.55
C VAL B 282 0.72 13.55 -9.84
N PHE B 283 1.13 13.84 -8.59
CA PHE B 283 0.59 15.02 -7.91
C PHE B 283 0.89 16.29 -8.71
N ARG B 284 2.14 16.44 -9.20
CA ARG B 284 2.50 17.64 -9.93
C ARG B 284 1.58 17.83 -11.15
N ARG B 285 1.32 16.77 -11.90
CA ARG B 285 0.46 16.91 -13.05
C ARG B 285 -0.96 17.35 -12.64
N GLY B 286 -1.48 16.79 -11.55
CA GLY B 286 -2.76 17.24 -11.07
C GLY B 286 -2.77 18.73 -10.77
N MET B 287 -1.72 19.21 -10.10
CA MET B 287 -1.69 20.62 -9.73
C MET B 287 -1.73 21.50 -10.97
N GLU B 288 -1.02 21.11 -12.02
CA GLU B 288 -0.96 21.96 -13.20
C GLU B 288 -2.21 21.88 -14.05
N ASN B 289 -2.99 20.82 -13.92
CA ASN B 289 -4.32 20.74 -14.52
C ASN B 289 -5.39 21.47 -13.70
N GLY B 290 -5.01 22.29 -12.73
CA GLY B 290 -5.97 23.09 -11.98
C GLY B 290 -6.70 22.43 -10.82
N HIS B 291 -6.23 21.29 -10.34
CA HIS B 291 -6.98 20.57 -9.31
C HIS B 291 -6.53 20.90 -7.90
N ALA B 292 -5.73 21.94 -7.71
CA ALA B 292 -5.15 22.23 -6.40
C ALA B 292 -6.21 22.31 -5.31
N GLY B 293 -7.40 22.85 -5.63
CA GLY B 293 -8.47 22.94 -4.65
C GLY B 293 -9.36 21.71 -4.56
N ASN B 294 -9.19 20.74 -5.44
CA ASN B 294 -9.94 19.50 -5.42
C ASN B 294 -9.32 18.50 -4.45
N SER B 295 -10.05 17.39 -4.25
CA SER B 295 -9.51 16.25 -3.53
C SER B 295 -8.39 15.58 -4.32
N PHE B 296 -7.38 15.07 -3.61
CA PHE B 296 -6.32 14.34 -4.29
C PHE B 296 -6.89 13.19 -5.12
N THR B 297 -8.09 12.70 -4.80
CA THR B 297 -8.66 11.64 -5.62
C THR B 297 -8.89 12.08 -7.05
N SER B 298 -8.88 13.39 -7.33
CA SER B 298 -8.94 13.87 -8.71
C SER B 298 -7.76 13.36 -9.55
N LEU B 299 -6.69 12.89 -8.93
CA LEU B 299 -5.55 12.37 -9.71
C LEU B 299 -5.92 11.16 -10.55
N ILE B 300 -7.05 10.52 -10.28
CA ILE B 300 -7.47 9.43 -11.15
C ILE B 300 -7.68 9.96 -12.56
N GLU B 301 -8.09 11.22 -12.67
CA GLU B 301 -8.17 11.86 -13.98
C GLU B 301 -6.81 11.92 -14.65
N ILE B 302 -5.74 12.17 -13.87
CA ILE B 302 -4.40 12.13 -14.45
C ILE B 302 -4.07 10.74 -14.94
N PHE B 303 -4.45 9.70 -14.19
CA PHE B 303 -4.25 8.33 -14.67
C PHE B 303 -5.03 8.04 -15.94
N LYS B 304 -6.19 8.66 -16.13
CA LYS B 304 -6.91 8.47 -17.39
C LYS B 304 -6.39 9.35 -18.53
N LYS B 305 -5.19 9.92 -18.34
CA LYS B 305 -4.50 10.68 -19.39
C LYS B 305 -5.35 11.86 -19.86
N SER B 306 -5.82 12.65 -18.91
CA SER B 306 -6.57 13.85 -19.23
C SER B 306 -5.65 15.07 -19.34
#